data_7QGM
#
_entry.id   7QGM
#
_cell.length_a   54.989
_cell.length_b   98.185
_cell.length_c   234.902
_cell.angle_alpha   90.000
_cell.angle_beta   90.000
_cell.angle_gamma   90.000
#
_symmetry.space_group_name_H-M   'C 2 2 21'
#
loop_
_entity.id
_entity.type
_entity.pdbx_description
1 polymer "5'-nucleotidase"
2 non-polymer 'ZINC ION'
3 non-polymer 'CALCIUM ION'
4 non-polymer '[[(2~{R},3~{S},4~{R},5~{R})-5-[(4~{E})-4-[(4-chlorophenyl)methoxyimino]-3-methyl-2-oxidanylidene-pyrimidin-1-yl]-3,4-bis(oxidanyl)oxolan-2-yl]methoxy-oxidanyl-phosphoryl]methylphosphonic acid'
#
_entity_poly.entity_id   1
_entity_poly.type   'polypeptide(L)'
_entity_poly.pdbx_seq_one_letter_code
;MCPRAARAPATLLLALGAVLWPAAGAWELTILHTNDVHSRLEQTSEDSSKCVDASRCMGGVARLFTKVQQIRRAEPNVLL
LDAGDQYQGTIWFTVYKGAEVAHFMNALRYDAMALGNHEFDNGVEGLIEPLLKEAKFPILSANIKAKGPLASQISGLYLP
YKVLPVGDEVVGIVGYTSKETPFLSNPGTNLVFEDEITALQPEVDKLKTLNVNKIIALGHSGFEMDKLIAQKVRGVDVVV
GGHSNTFLYTGNPPSKEVPAGKYPFIVTSDDGRKVPVVQAYAFGKYLGYLKIEFDERGNVISSHGNPILLDSSIPEDPSI
KADINKWRIKLDDYSTQELGKTIVYLDGSSQSCRFRECNMGNLICDAMINNNLRHTDEMFWNHVSMCILNGGGIRSPIDE
RNDGTITWENLAAVLPFGGTFDLVQLKGSTLKKAFEHSVHRYGQSTGEFLQVGGIHVVYDLSRKPGDRVVKLDVLCTKCR
VPSYDPLKMDEVYKVILPNFLANGGDGFQMIKDELLRHDSGDQDINVVSTYISKMKVIYPAVEGRIKFSGGGGAGGGGGT
KHHHHHH
;
_entity_poly.pdbx_strand_id   A
#
# COMPACT_ATOMS: atom_id res chain seq x y z
N TRP A 27 6.63 -30.48 -16.64
CA TRP A 27 5.25 -30.13 -16.29
C TRP A 27 5.11 -28.60 -16.33
N GLU A 28 4.11 -28.12 -17.05
CA GLU A 28 3.91 -26.69 -17.21
C GLU A 28 2.93 -26.19 -16.15
N LEU A 29 3.20 -25.00 -15.63
CA LEU A 29 2.34 -24.36 -14.65
C LEU A 29 2.52 -22.86 -14.79
N THR A 30 1.43 -22.16 -15.07
CA THR A 30 1.44 -20.71 -15.28
C THR A 30 0.84 -20.04 -14.04
N ILE A 31 1.67 -19.25 -13.35
CA ILE A 31 1.24 -18.54 -12.14
C ILE A 31 0.83 -17.13 -12.55
N LEU A 32 -0.47 -16.84 -12.43
CA LEU A 32 -0.98 -15.48 -12.53
C LEU A 32 -1.09 -14.91 -11.13
N HIS A 33 -0.54 -13.71 -10.92
CA HIS A 33 -0.57 -13.14 -9.57
C HIS A 33 -0.75 -11.64 -9.58
N THR A 34 -1.54 -11.16 -8.61
CA THR A 34 -1.80 -9.76 -8.34
C THR A 34 -1.32 -9.43 -6.94
N ASN A 35 -1.24 -8.14 -6.63
CA ASN A 35 -0.90 -7.73 -5.27
C ASN A 35 -1.10 -6.23 -5.13
N ASP A 36 -1.59 -5.83 -3.95
CA ASP A 36 -1.75 -4.42 -3.60
C ASP A 36 -2.73 -3.73 -4.55
N VAL A 37 -3.90 -4.36 -4.72
CA VAL A 37 -4.94 -3.77 -5.55
C VAL A 37 -5.57 -2.57 -4.85
N HIS A 38 -5.78 -2.67 -3.54
CA HIS A 38 -6.34 -1.58 -2.72
C HIS A 38 -7.68 -1.11 -3.28
N SER A 39 -8.58 -2.08 -3.51
CA SER A 39 -9.94 -1.80 -3.95
C SER A 39 -9.97 -0.98 -5.25
N ARG A 40 -8.93 -1.11 -6.07
CA ARG A 40 -8.94 -0.53 -7.41
C ARG A 40 -9.43 -1.57 -8.42
N LEU A 41 -10.66 -2.03 -8.16
CA LEU A 41 -11.39 -2.90 -9.08
C LEU A 41 -11.96 -2.14 -10.26
N GLU A 42 -11.78 -0.81 -10.29
CA GLU A 42 -12.27 0.04 -11.36
C GLU A 42 -11.07 0.61 -12.11
N GLN A 43 -11.15 0.58 -13.45
CA GLN A 43 -10.05 1.08 -14.25
C GLN A 43 -9.71 2.51 -13.85
N THR A 44 -8.42 2.84 -13.85
CA THR A 44 -7.94 4.10 -13.29
C THR A 44 -7.04 4.82 -14.29
N SER A 45 -6.87 6.12 -14.07
CA SER A 45 -5.88 6.88 -14.79
C SER A 45 -4.49 6.27 -14.56
N GLU A 46 -3.52 6.68 -15.38
CA GLU A 46 -2.21 6.06 -15.31
C GLU A 46 -1.60 6.16 -13.92
N ASP A 47 -1.93 7.20 -13.16
CA ASP A 47 -1.48 7.33 -11.78
C ASP A 47 -2.35 6.52 -10.81
N SER A 48 -3.10 5.56 -11.33
CA SER A 48 -3.91 4.65 -10.52
C SER A 48 -5.01 5.37 -9.76
N SER A 49 -5.32 6.61 -10.14
CA SER A 49 -6.40 7.37 -9.55
C SER A 49 -7.61 7.35 -10.49
N LYS A 50 -8.75 7.77 -9.96
CA LYS A 50 -10.04 7.67 -10.66
C LYS A 50 -9.89 7.99 -12.15
N CYS A 51 -10.39 7.09 -12.98
CA CYS A 51 -10.31 7.22 -14.43
C CYS A 51 -11.06 8.46 -14.92
N VAL A 52 -10.41 9.24 -15.79
CA VAL A 52 -11.01 10.43 -16.39
C VAL A 52 -11.36 10.22 -17.85
N ASP A 53 -10.46 9.61 -18.62
CA ASP A 53 -10.70 9.30 -20.03
C ASP A 53 -10.49 7.79 -20.21
N ALA A 54 -11.60 7.07 -20.41
CA ALA A 54 -11.53 5.62 -20.52
C ALA A 54 -10.55 5.17 -21.59
N SER A 55 -10.42 5.95 -22.68
CA SER A 55 -9.56 5.57 -23.78
C SER A 55 -8.13 5.31 -23.31
N ARG A 56 -7.68 6.03 -22.28
CA ARG A 56 -6.33 5.87 -21.75
C ARG A 56 -6.28 5.01 -20.49
N CYS A 57 -7.43 4.71 -19.89
CA CYS A 57 -7.47 4.09 -18.58
C CYS A 57 -7.11 2.61 -18.66
N MET A 58 -6.56 2.10 -17.55
CA MET A 58 -6.10 0.72 -17.48
C MET A 58 -6.40 0.17 -16.09
N GLY A 59 -6.58 -1.15 -16.03
CA GLY A 59 -6.81 -1.85 -14.78
C GLY A 59 -8.27 -2.20 -14.54
N GLY A 60 -8.53 -2.66 -13.32
CA GLY A 60 -9.85 -3.06 -12.91
C GLY A 60 -10.06 -4.56 -12.96
N VAL A 61 -10.98 -5.05 -12.13
CA VAL A 61 -11.27 -6.48 -12.12
C VAL A 61 -11.83 -6.93 -13.46
N ALA A 62 -12.65 -6.09 -14.09
CA ALA A 62 -13.25 -6.45 -15.37
C ALA A 62 -12.19 -6.68 -16.43
N ARG A 63 -11.28 -5.73 -16.60
CA ARG A 63 -10.21 -5.90 -17.57
C ARG A 63 -9.33 -7.09 -17.20
N LEU A 64 -9.08 -7.28 -15.91
CA LEU A 64 -8.30 -8.43 -15.45
C LEU A 64 -8.98 -9.73 -15.83
N PHE A 65 -10.31 -9.77 -15.75
CA PHE A 65 -11.03 -11.00 -16.07
C PHE A 65 -10.69 -11.48 -17.48
N THR A 66 -10.77 -10.59 -18.47
CA THR A 66 -10.62 -11.01 -19.86
C THR A 66 -9.22 -11.53 -20.16
N LYS A 67 -8.21 -11.14 -19.38
CA LYS A 67 -6.87 -11.67 -19.58
C LYS A 67 -6.67 -12.99 -18.85
N VAL A 68 -7.18 -13.10 -17.62
CA VAL A 68 -7.16 -14.39 -16.94
C VAL A 68 -7.92 -15.42 -17.75
N GLN A 69 -9.14 -15.06 -18.19
CA GLN A 69 -9.94 -15.95 -19.03
C GLN A 69 -9.16 -16.36 -20.27
N GLN A 70 -8.52 -15.40 -20.93
CA GLN A 70 -7.75 -15.70 -22.13
C GLN A 70 -6.62 -16.66 -21.84
N ILE A 71 -5.87 -16.42 -20.76
CA ILE A 71 -4.76 -17.31 -20.43
C ILE A 71 -5.27 -18.71 -20.13
N ARG A 72 -6.35 -18.82 -19.35
CA ARG A 72 -6.92 -20.12 -19.04
C ARG A 72 -7.43 -20.84 -20.29
N ARG A 73 -7.76 -20.09 -21.33
CA ARG A 73 -8.19 -20.69 -22.59
C ARG A 73 -7.04 -21.47 -23.23
N ALA A 74 -5.81 -20.97 -23.11
CA ALA A 74 -4.67 -21.52 -23.81
C ALA A 74 -3.70 -22.26 -22.91
N GLU A 75 -3.75 -22.06 -21.60
CA GLU A 75 -2.82 -22.69 -20.67
C GLU A 75 -3.60 -23.68 -19.80
N PRO A 76 -3.48 -24.99 -20.04
CA PRO A 76 -4.27 -25.95 -19.25
C PRO A 76 -4.03 -25.88 -17.75
N ASN A 77 -2.80 -25.59 -17.31
CA ASN A 77 -2.44 -25.58 -15.89
C ASN A 77 -2.12 -24.16 -15.45
N VAL A 78 -2.99 -23.58 -14.61
CA VAL A 78 -2.89 -22.18 -14.21
C VAL A 78 -3.32 -22.03 -12.75
N LEU A 79 -2.71 -21.07 -12.07
CA LEU A 79 -3.12 -20.70 -10.72
C LEU A 79 -3.16 -19.18 -10.62
N LEU A 80 -4.25 -18.65 -10.04
CA LEU A 80 -4.44 -17.22 -9.85
C LEU A 80 -4.36 -16.92 -8.36
N LEU A 81 -3.40 -16.07 -7.97
CA LEU A 81 -3.13 -15.81 -6.57
C LEU A 81 -2.92 -14.32 -6.34
N ASP A 82 -3.45 -13.81 -5.23
CA ASP A 82 -3.21 -12.44 -4.79
C ASP A 82 -2.35 -12.48 -3.54
N ALA A 83 -1.33 -11.64 -3.50
CA ALA A 83 -0.36 -11.63 -2.40
C ALA A 83 -0.63 -10.53 -1.38
N GLY A 84 -1.91 -10.21 -1.15
CA GLY A 84 -2.29 -9.33 -0.08
C GLY A 84 -2.68 -7.93 -0.55
N ASP A 85 -3.21 -7.16 0.40
CA ASP A 85 -3.59 -5.76 0.21
C ASP A 85 -4.64 -5.60 -0.89
N GLN A 86 -5.83 -6.12 -0.59
CA GLN A 86 -7.03 -5.77 -1.37
C GLN A 86 -7.94 -4.80 -0.63
N TYR A 87 -7.66 -4.51 0.64
CA TYR A 87 -8.47 -3.60 1.43
C TYR A 87 -7.97 -2.16 1.27
N GLN A 88 -8.86 -1.22 1.58
CA GLN A 88 -8.54 0.21 1.58
C GLN A 88 -8.26 0.74 0.17
N GLY A 89 -7.73 1.95 0.08
CA GLY A 89 -7.38 2.55 -1.18
C GLY A 89 -8.44 3.47 -1.75
N THR A 90 -9.65 2.96 -1.96
CA THR A 90 -10.71 3.71 -2.62
C THR A 90 -11.99 3.63 -1.81
N ILE A 91 -12.99 4.42 -2.23
CA ILE A 91 -14.27 4.44 -1.52
C ILE A 91 -14.93 3.08 -1.59
N TRP A 92 -14.62 2.29 -2.63
CA TRP A 92 -15.21 0.96 -2.75
C TRP A 92 -15.05 0.17 -1.47
N PHE A 93 -13.97 0.40 -0.73
CA PHE A 93 -13.82 -0.30 0.53
C PHE A 93 -14.61 0.38 1.65
N THR A 94 -14.41 1.67 1.86
CA THR A 94 -15.02 2.33 3.01
C THR A 94 -16.54 2.32 2.93
N VAL A 95 -17.11 1.77 1.87
CA VAL A 95 -18.54 1.58 1.75
C VAL A 95 -18.92 0.13 1.98
N TYR A 96 -18.46 -0.77 1.11
CA TYR A 96 -18.76 -2.19 1.25
C TYR A 96 -17.84 -2.87 2.26
N LYS A 97 -16.75 -2.22 2.65
CA LYS A 97 -15.86 -2.69 3.72
C LYS A 97 -15.63 -4.19 3.67
N GLY A 98 -15.26 -4.68 2.49
CA GLY A 98 -14.87 -6.07 2.34
C GLY A 98 -15.65 -6.86 1.30
N ALA A 99 -16.96 -6.62 1.21
CA ALA A 99 -17.79 -7.42 0.31
C ALA A 99 -17.32 -7.29 -1.13
N GLU A 100 -16.89 -6.10 -1.54
CA GLU A 100 -16.44 -5.90 -2.91
C GLU A 100 -15.25 -6.80 -3.23
N VAL A 101 -14.35 -6.99 -2.27
CA VAL A 101 -13.21 -7.87 -2.49
C VAL A 101 -13.67 -9.31 -2.64
N ALA A 102 -14.51 -9.78 -1.71
CA ALA A 102 -14.94 -11.17 -1.74
C ALA A 102 -15.74 -11.49 -3.01
N HIS A 103 -16.66 -10.60 -3.38
CA HIS A 103 -17.55 -10.90 -4.49
C HIS A 103 -16.81 -10.95 -5.81
N PHE A 104 -15.84 -10.06 -6.02
CA PHE A 104 -15.15 -9.98 -7.31
C PHE A 104 -13.85 -10.77 -7.34
N MET A 105 -13.23 -11.05 -6.19
CA MET A 105 -12.17 -12.05 -6.17
C MET A 105 -12.74 -13.43 -6.49
N ASN A 106 -13.95 -13.72 -5.99
CA ASN A 106 -14.64 -14.95 -6.37
C ASN A 106 -15.02 -14.93 -7.83
N ALA A 107 -15.51 -13.78 -8.33
CA ALA A 107 -15.87 -13.68 -9.74
C ALA A 107 -14.65 -13.90 -10.63
N LEU A 108 -13.51 -13.32 -10.27
CA LEU A 108 -12.26 -13.61 -10.95
C LEU A 108 -11.77 -15.02 -10.68
N ARG A 109 -12.41 -15.74 -9.74
CA ARG A 109 -12.12 -17.14 -9.44
C ARG A 109 -10.64 -17.34 -9.08
N TYR A 110 -10.20 -16.59 -8.08
CA TYR A 110 -8.86 -16.76 -7.53
C TYR A 110 -8.71 -18.14 -6.92
N ASP A 111 -7.49 -18.66 -6.95
CA ASP A 111 -7.22 -19.97 -6.37
C ASP A 111 -6.78 -19.89 -4.93
N ALA A 112 -5.87 -18.96 -4.60
CA ALA A 112 -5.48 -18.75 -3.21
C ALA A 112 -5.10 -17.28 -3.02
N MET A 113 -4.99 -16.88 -1.75
CA MET A 113 -4.59 -15.53 -1.40
C MET A 113 -3.92 -15.54 -0.03
N ALA A 114 -2.79 -14.85 0.08
CA ALA A 114 -2.12 -14.67 1.35
C ALA A 114 -2.62 -13.39 2.03
N LEU A 115 -2.79 -13.45 3.34
CA LEU A 115 -3.31 -12.31 4.09
C LEU A 115 -2.35 -11.13 4.04
N GLY A 116 -2.92 -9.94 3.84
CA GLY A 116 -2.16 -8.71 3.88
C GLY A 116 -2.42 -7.93 5.16
N ASN A 117 -1.62 -6.87 5.36
CA ASN A 117 -1.75 -6.07 6.57
C ASN A 117 -3.00 -5.22 6.54
N HIS A 118 -3.44 -4.79 5.36
CA HIS A 118 -4.63 -3.94 5.24
C HIS A 118 -5.93 -4.70 5.43
N GLU A 119 -5.91 -6.03 5.42
CA GLU A 119 -7.11 -6.81 5.69
C GLU A 119 -7.45 -6.84 7.18
N PHE A 120 -6.80 -6.01 7.99
CA PHE A 120 -7.14 -5.84 9.39
C PHE A 120 -7.44 -4.39 9.73
N ASP A 121 -7.51 -3.52 8.72
CA ASP A 121 -7.79 -2.10 8.98
C ASP A 121 -9.19 -1.90 9.53
N ASN A 122 -10.12 -2.80 9.21
CA ASN A 122 -11.47 -2.76 9.77
C ASN A 122 -11.62 -3.71 10.95
N GLY A 123 -10.54 -4.32 11.40
CA GLY A 123 -10.56 -5.18 12.56
C GLY A 123 -10.54 -6.66 12.20
N VAL A 124 -10.37 -7.49 13.23
CA VAL A 124 -10.43 -8.93 13.04
C VAL A 124 -11.84 -9.36 12.65
N GLU A 125 -12.86 -8.72 13.23
CA GLU A 125 -14.23 -8.95 12.81
C GLU A 125 -14.54 -8.26 11.48
N GLY A 126 -13.84 -7.17 11.17
CA GLY A 126 -14.00 -6.53 9.89
C GLY A 126 -13.32 -7.26 8.74
N LEU A 127 -12.88 -8.47 9.01
CA LEU A 127 -12.31 -9.41 8.05
C LEU A 127 -13.01 -10.74 8.08
N ILE A 128 -13.39 -11.21 9.27
CA ILE A 128 -13.99 -12.53 9.40
C ILE A 128 -15.38 -12.55 8.77
N GLU A 129 -16.22 -11.57 9.11
CA GLU A 129 -17.57 -11.58 8.57
C GLU A 129 -17.60 -11.31 7.08
N PRO A 130 -16.99 -10.22 6.56
CA PRO A 130 -17.14 -9.92 5.13
C PRO A 130 -16.37 -10.83 4.18
N LEU A 131 -15.08 -11.06 4.43
CA LEU A 131 -14.23 -11.75 3.47
C LEU A 131 -14.08 -13.24 3.76
N LEU A 132 -13.50 -13.60 4.91
CA LEU A 132 -13.14 -14.99 5.16
C LEU A 132 -14.36 -15.89 5.06
N LYS A 133 -15.50 -15.42 5.57
CA LYS A 133 -16.71 -16.24 5.56
C LYS A 133 -17.30 -16.34 4.16
N GLU A 134 -17.34 -15.23 3.42
CA GLU A 134 -17.97 -15.22 2.11
C GLU A 134 -17.05 -15.64 0.97
N ALA A 135 -15.75 -15.79 1.23
CA ALA A 135 -14.80 -16.13 0.17
C ALA A 135 -14.90 -17.61 -0.17
N LYS A 136 -14.95 -17.90 -1.47
CA LYS A 136 -15.11 -19.27 -1.97
C LYS A 136 -13.77 -19.98 -2.17
N PHE A 137 -12.69 -19.44 -1.63
CA PHE A 137 -11.36 -20.00 -1.84
C PHE A 137 -10.53 -19.84 -0.57
N PRO A 138 -9.37 -20.49 -0.47
CA PRO A 138 -8.60 -20.41 0.78
C PRO A 138 -7.79 -19.13 0.89
N ILE A 139 -7.71 -18.61 2.12
CA ILE A 139 -6.87 -17.47 2.46
C ILE A 139 -5.79 -17.96 3.41
N LEU A 140 -4.54 -17.70 3.06
CA LEU A 140 -3.40 -18.36 3.71
C LEU A 140 -2.56 -17.38 4.52
N SER A 141 -2.07 -17.85 5.67
CA SER A 141 -1.02 -17.19 6.42
C SER A 141 -0.49 -18.11 7.52
N ALA A 142 0.82 -18.38 7.52
CA ALA A 142 1.41 -19.36 8.43
C ALA A 142 1.97 -18.76 9.71
N ASN A 143 2.36 -17.49 9.69
CA ASN A 143 3.00 -16.85 10.84
C ASN A 143 2.00 -16.10 11.71
N ILE A 144 0.71 -16.18 11.43
CA ILE A 144 -0.32 -15.58 12.26
C ILE A 144 -0.87 -16.67 13.16
N LYS A 145 -0.54 -16.58 14.46
CA LYS A 145 -1.06 -17.50 15.47
C LYS A 145 -2.24 -16.84 16.16
N ALA A 146 -3.32 -17.59 16.35
CA ALA A 146 -4.53 -17.11 16.98
C ALA A 146 -4.69 -17.76 18.34
N LYS A 147 -4.87 -16.95 19.38
CA LYS A 147 -4.98 -17.43 20.74
C LYS A 147 -6.00 -16.60 21.52
N GLY A 148 -6.70 -17.28 22.43
CA GLY A 148 -7.65 -16.62 23.31
C GLY A 148 -9.09 -16.90 22.94
N PRO A 149 -10.02 -16.05 23.42
CA PRO A 149 -11.43 -16.22 23.03
C PRO A 149 -11.66 -16.17 21.53
N LEU A 150 -10.87 -15.38 20.80
CA LEU A 150 -11.05 -15.26 19.36
C LEU A 150 -10.65 -16.56 18.64
N ALA A 151 -9.56 -17.19 19.06
CA ALA A 151 -9.07 -18.38 18.39
C ALA A 151 -10.15 -19.44 18.20
N SER A 152 -11.21 -19.39 19.01
CA SER A 152 -12.23 -20.43 18.99
C SER A 152 -12.80 -20.63 17.59
N GLN A 153 -13.22 -19.55 16.94
CA GLN A 153 -13.87 -19.64 15.64
C GLN A 153 -12.94 -19.30 14.48
N ILE A 154 -12.13 -18.24 14.59
CA ILE A 154 -11.22 -17.93 13.49
C ILE A 154 -10.33 -19.12 13.16
N SER A 155 -10.21 -20.08 14.07
CA SER A 155 -9.59 -21.36 13.76
C SER A 155 -10.20 -21.93 12.48
N GLY A 156 -9.35 -22.14 11.48
CA GLY A 156 -9.79 -22.77 10.25
C GLY A 156 -10.48 -21.87 9.27
N LEU A 157 -10.74 -20.61 9.62
CA LEU A 157 -11.21 -19.63 8.65
C LEU A 157 -10.09 -19.12 7.75
N TYR A 158 -8.84 -19.39 8.13
CA TYR A 158 -7.68 -19.21 7.27
C TYR A 158 -6.68 -20.28 7.66
N LEU A 159 -5.86 -20.71 6.71
CA LEU A 159 -4.94 -21.81 6.91
C LEU A 159 -3.50 -21.37 6.70
N PRO A 160 -2.53 -22.07 7.30
CA PRO A 160 -1.11 -21.76 7.03
C PRO A 160 -0.67 -22.13 5.63
N TYR A 161 -1.40 -23.01 4.94
CA TYR A 161 -1.04 -23.47 3.61
C TYR A 161 -2.28 -24.07 2.96
N LYS A 162 -2.10 -24.61 1.76
CA LYS A 162 -3.15 -25.39 1.12
C LYS A 162 -2.55 -26.17 -0.05
N VAL A 163 -2.98 -27.41 -0.21
CA VAL A 163 -2.59 -28.24 -1.34
C VAL A 163 -3.63 -28.08 -2.43
N LEU A 164 -3.19 -27.64 -3.62
CA LEU A 164 -4.08 -27.39 -4.75
C LEU A 164 -3.84 -28.42 -5.85
N PRO A 165 -4.87 -29.12 -6.32
CA PRO A 165 -4.68 -30.06 -7.44
C PRO A 165 -4.73 -29.32 -8.77
N VAL A 166 -3.60 -29.32 -9.48
CA VAL A 166 -3.51 -28.73 -10.81
C VAL A 166 -3.09 -29.84 -11.77
N GLY A 167 -3.74 -29.89 -12.93
CA GLY A 167 -3.48 -30.98 -13.85
C GLY A 167 -3.72 -32.30 -13.13
N ASP A 168 -2.78 -33.23 -13.29
CA ASP A 168 -2.80 -34.50 -12.58
C ASP A 168 -1.75 -34.54 -11.48
N GLU A 169 -1.37 -33.37 -10.98
CA GLU A 169 -0.36 -33.24 -9.93
C GLU A 169 -0.95 -32.38 -8.82
N VAL A 170 -0.12 -31.98 -7.85
CA VAL A 170 -0.57 -31.09 -6.78
C VAL A 170 0.52 -30.06 -6.50
N VAL A 171 0.07 -28.87 -6.09
CA VAL A 171 0.94 -27.75 -5.79
C VAL A 171 0.57 -27.21 -4.42
N GLY A 172 1.57 -26.96 -3.58
CA GLY A 172 1.32 -26.49 -2.24
C GLY A 172 1.72 -25.04 -2.01
N ILE A 173 0.78 -24.22 -1.55
CA ILE A 173 1.04 -22.81 -1.25
C ILE A 173 1.21 -22.66 0.25
N VAL A 174 2.23 -21.92 0.67
CA VAL A 174 2.40 -21.52 2.07
C VAL A 174 2.27 -20.01 2.17
N GLY A 175 1.41 -19.55 3.07
CA GLY A 175 1.13 -18.13 3.22
C GLY A 175 1.91 -17.47 4.34
N TYR A 176 2.22 -16.18 4.15
CA TYR A 176 2.85 -15.40 5.22
C TYR A 176 2.38 -13.95 5.13
N THR A 177 2.38 -13.30 6.29
CA THR A 177 2.01 -11.90 6.42
C THR A 177 3.15 -11.13 7.06
N SER A 178 3.11 -9.81 6.94
CA SER A 178 4.13 -8.98 7.58
C SER A 178 4.13 -9.23 9.08
N LYS A 179 5.32 -9.36 9.66
CA LYS A 179 5.47 -9.45 11.11
C LYS A 179 5.43 -8.09 11.78
N GLU A 180 5.01 -7.04 11.05
CA GLU A 180 4.81 -5.70 11.58
C GLU A 180 3.38 -5.23 11.36
N THR A 181 2.42 -6.14 11.30
CA THR A 181 1.03 -5.77 11.03
C THR A 181 0.38 -5.21 12.30
N PRO A 182 0.60 -5.80 13.48
CA PRO A 182 0.09 -5.17 14.70
C PRO A 182 0.66 -3.78 14.95
N PHE A 183 1.74 -3.40 14.25
CA PHE A 183 2.29 -2.07 14.29
C PHE A 183 2.03 -1.30 12.99
N LEU A 184 1.13 -1.81 12.16
CA LEU A 184 0.71 -1.13 10.92
C LEU A 184 -0.79 -1.13 10.71
N SER A 185 -1.55 -2.00 11.38
CA SER A 185 -2.97 -2.16 11.13
C SER A 185 -3.65 -2.36 12.49
N ASN A 186 -4.87 -2.87 12.48
CA ASN A 186 -5.66 -3.10 13.70
C ASN A 186 -6.13 -4.55 13.75
N PRO A 187 -5.23 -5.49 14.04
CA PRO A 187 -5.65 -6.89 14.19
C PRO A 187 -6.09 -7.24 15.60
N GLY A 188 -6.37 -6.24 16.43
CA GLY A 188 -6.71 -6.50 17.81
C GLY A 188 -5.49 -6.97 18.59
N THR A 189 -5.77 -7.44 19.80
CA THR A 189 -4.75 -7.97 20.68
C THR A 189 -4.85 -9.48 20.86
N ASN A 190 -5.90 -10.12 20.35
CA ASN A 190 -6.05 -11.57 20.43
C ASN A 190 -5.41 -12.29 19.25
N LEU A 191 -4.43 -11.66 18.60
CA LEU A 191 -3.70 -12.24 17.49
C LEU A 191 -2.21 -12.01 17.70
N VAL A 192 -1.40 -12.88 17.10
CA VAL A 192 0.05 -12.79 17.19
C VAL A 192 0.63 -13.03 15.80
N PHE A 193 1.55 -12.15 15.38
CA PHE A 193 2.20 -12.20 14.08
C PHE A 193 3.65 -12.63 14.28
N GLU A 194 3.92 -13.91 14.04
CA GLU A 194 5.26 -14.46 14.25
C GLU A 194 6.20 -14.05 13.12
N ASP A 195 7.48 -14.40 13.28
CA ASP A 195 8.43 -14.24 12.20
C ASP A 195 8.08 -15.19 11.04
N GLU A 196 8.15 -14.67 9.82
CA GLU A 196 7.64 -15.44 8.69
C GLU A 196 8.49 -16.68 8.43
N ILE A 197 9.81 -16.53 8.36
CA ILE A 197 10.66 -17.67 8.03
C ILE A 197 10.52 -18.76 9.08
N THR A 198 10.67 -18.40 10.35
CA THR A 198 10.61 -19.38 11.42
C THR A 198 9.24 -20.05 11.52
N ALA A 199 8.22 -19.48 10.88
CA ALA A 199 6.89 -20.09 10.82
C ALA A 199 6.61 -20.81 9.51
N LEU A 200 7.28 -20.41 8.42
CA LEU A 200 7.06 -21.06 7.13
C LEU A 200 7.79 -22.39 7.04
N GLN A 201 9.08 -22.40 7.39
CA GLN A 201 9.90 -23.61 7.25
C GLN A 201 9.29 -24.82 7.93
N PRO A 202 8.77 -24.73 9.16
CA PRO A 202 8.08 -25.90 9.73
C PRO A 202 6.92 -26.37 8.88
N GLU A 203 6.17 -25.45 8.28
CA GLU A 203 5.06 -25.86 7.42
C GLU A 203 5.56 -26.45 6.10
N VAL A 204 6.65 -25.90 5.57
CA VAL A 204 7.18 -26.39 4.29
C VAL A 204 7.76 -27.80 4.46
N ASP A 205 8.41 -28.06 5.60
CA ASP A 205 8.86 -29.42 5.89
C ASP A 205 7.67 -30.37 5.88
N LYS A 206 6.60 -30.01 6.60
CA LYS A 206 5.38 -30.80 6.61
C LYS A 206 4.93 -31.11 5.19
N LEU A 207 5.03 -30.14 4.29
CA LEU A 207 4.52 -30.32 2.93
C LEU A 207 5.34 -31.33 2.15
N LYS A 208 6.67 -31.28 2.25
CA LYS A 208 7.48 -32.22 1.49
C LYS A 208 7.46 -33.63 2.08
N THR A 209 7.17 -33.76 3.39
CA THR A 209 6.95 -35.10 3.95
C THR A 209 5.60 -35.65 3.53
N LEU A 210 4.70 -34.79 3.08
CA LEU A 210 3.45 -35.20 2.43
C LEU A 210 3.64 -35.43 0.93
N ASN A 211 4.87 -35.28 0.43
CA ASN A 211 5.18 -35.45 -0.99
C ASN A 211 4.42 -34.44 -1.85
N VAL A 212 4.43 -33.18 -1.43
CA VAL A 212 4.03 -32.08 -2.28
C VAL A 212 5.30 -31.30 -2.61
N ASN A 213 5.96 -31.65 -3.71
CA ASN A 213 7.25 -31.03 -4.01
C ASN A 213 7.05 -29.63 -4.59
N LYS A 214 6.13 -29.48 -5.54
CA LYS A 214 5.86 -28.17 -6.12
C LYS A 214 5.26 -27.27 -5.03
N ILE A 215 6.05 -26.30 -4.56
CA ILE A 215 5.65 -25.46 -3.43
C ILE A 215 5.83 -24.00 -3.81
N ILE A 216 4.78 -23.20 -3.64
CA ILE A 216 4.81 -21.76 -3.86
C ILE A 216 4.71 -21.07 -2.50
N ALA A 217 5.50 -20.02 -2.32
CA ALA A 217 5.39 -19.16 -1.14
C ALA A 217 4.69 -17.88 -1.59
N LEU A 218 3.54 -17.59 -0.96
CA LEU A 218 2.72 -16.43 -1.30
C LEU A 218 2.50 -15.63 -0.04
N GLY A 219 2.96 -14.38 -0.01
CA GLY A 219 2.88 -13.62 1.22
C GLY A 219 2.97 -12.12 1.02
N HIS A 220 2.82 -11.40 2.13
CA HIS A 220 2.70 -9.94 2.14
C HIS A 220 3.70 -9.40 3.16
N SER A 221 4.96 -9.32 2.76
CA SER A 221 6.00 -8.80 3.63
C SER A 221 6.94 -7.83 2.96
N GLY A 222 7.01 -7.80 1.63
CA GLY A 222 7.92 -6.90 0.94
C GLY A 222 9.04 -7.62 0.23
N PHE A 223 9.24 -7.27 -1.04
CA PHE A 223 10.27 -7.83 -1.91
C PHE A 223 11.58 -8.10 -1.19
N GLU A 224 11.98 -7.21 -0.27
CA GLU A 224 13.21 -7.44 0.48
C GLU A 224 13.08 -8.62 1.43
N MET A 225 11.93 -8.75 2.12
CA MET A 225 11.72 -9.91 2.98
C MET A 225 11.43 -11.16 2.17
N ASP A 226 10.81 -11.02 0.99
CA ASP A 226 10.60 -12.18 0.14
C ASP A 226 11.93 -12.77 -0.33
N LYS A 227 12.93 -11.92 -0.55
CA LYS A 227 14.27 -12.42 -0.86
C LYS A 227 14.90 -13.16 0.32
N LEU A 228 14.48 -12.83 1.55
CA LEU A 228 14.95 -13.58 2.71
C LEU A 228 14.33 -14.98 2.76
N ILE A 229 13.05 -15.08 2.40
CA ILE A 229 12.36 -16.37 2.44
C ILE A 229 12.87 -17.27 1.32
N ALA A 230 13.07 -16.71 0.13
CA ALA A 230 13.49 -17.53 -1.01
C ALA A 230 14.79 -18.25 -0.71
N GLN A 231 15.76 -17.56 -0.11
CA GLN A 231 17.07 -18.15 0.10
C GLN A 231 17.12 -19.01 1.35
N LYS A 232 16.41 -18.61 2.41
CA LYS A 232 16.55 -19.23 3.72
C LYS A 232 15.43 -20.19 4.08
N VAL A 233 14.58 -20.56 3.13
CA VAL A 233 13.56 -21.59 3.34
C VAL A 233 13.83 -22.72 2.37
N ARG A 234 14.13 -23.90 2.91
CA ARG A 234 14.40 -25.06 2.09
C ARG A 234 13.07 -25.70 1.69
N GLY A 235 12.93 -26.01 0.40
CA GLY A 235 11.73 -26.59 -0.14
C GLY A 235 10.95 -25.67 -1.05
N VAL A 236 11.09 -24.35 -0.86
CA VAL A 236 10.36 -23.39 -1.67
C VAL A 236 10.82 -23.46 -3.11
N ASP A 237 9.87 -23.55 -4.04
CA ASP A 237 10.17 -23.54 -5.47
C ASP A 237 9.97 -22.17 -6.10
N VAL A 238 8.89 -21.46 -5.74
CA VAL A 238 8.65 -20.10 -6.20
C VAL A 238 8.38 -19.24 -4.98
N VAL A 239 8.57 -17.93 -5.15
CA VAL A 239 8.24 -16.93 -4.13
C VAL A 239 7.45 -15.82 -4.80
N VAL A 240 6.15 -15.76 -4.50
CA VAL A 240 5.24 -14.75 -5.02
C VAL A 240 4.83 -13.87 -3.86
N GLY A 241 4.92 -12.56 -4.02
CA GLY A 241 4.73 -11.68 -2.89
C GLY A 241 4.32 -10.28 -3.23
N GLY A 242 4.45 -9.39 -2.23
CA GLY A 242 4.03 -8.01 -2.34
C GLY A 242 4.33 -7.16 -1.11
N HIS A 243 3.44 -6.20 -0.84
CA HIS A 243 3.44 -5.25 0.26
C HIS A 243 4.42 -4.09 0.10
N SER A 244 5.35 -4.14 -0.85
CA SER A 244 6.22 -3.01 -1.13
C SER A 244 5.95 -2.43 -2.51
N ASN A 245 4.96 -2.97 -3.23
CA ASN A 245 4.56 -2.48 -4.55
C ASN A 245 5.78 -2.38 -5.46
N THR A 246 6.43 -3.53 -5.64
CA THR A 246 7.64 -3.65 -6.44
C THR A 246 7.30 -4.14 -7.84
N PHE A 247 8.03 -3.62 -8.83
CA PHE A 247 7.77 -3.88 -10.23
C PHE A 247 9.04 -4.45 -10.86
N LEU A 248 8.94 -5.68 -11.38
CA LEU A 248 10.04 -6.38 -12.01
C LEU A 248 9.70 -6.61 -13.48
N TYR A 249 10.70 -6.49 -14.35
CA TYR A 249 10.47 -6.64 -15.77
C TYR A 249 11.75 -7.09 -16.49
N THR A 250 11.57 -8.02 -17.44
CA THR A 250 12.63 -8.49 -18.32
C THR A 250 12.33 -7.99 -19.73
N GLY A 251 12.78 -6.77 -20.02
CA GLY A 251 12.57 -6.16 -21.30
C GLY A 251 12.60 -4.67 -21.24
N ASN A 252 11.67 -4.01 -21.93
CA ASN A 252 11.50 -2.56 -21.91
C ASN A 252 10.17 -2.23 -21.25
N PRO A 253 10.16 -1.55 -20.11
CA PRO A 253 8.92 -1.42 -19.35
C PRO A 253 7.87 -0.65 -20.13
N PRO A 254 6.58 -0.93 -19.90
CA PRO A 254 5.52 -0.33 -20.70
C PRO A 254 4.92 0.97 -20.18
N SER A 255 5.28 1.41 -18.98
CA SER A 255 4.67 2.61 -18.42
C SER A 255 5.70 3.34 -17.56
N LYS A 256 5.22 4.27 -16.72
CA LYS A 256 6.12 5.15 -15.99
C LYS A 256 6.86 4.45 -14.85
N GLU A 257 6.48 3.24 -14.46
CA GLU A 257 7.15 2.56 -13.35
C GLU A 257 8.48 2.00 -13.82
N VAL A 258 9.57 2.52 -13.27
CA VAL A 258 10.91 2.04 -13.60
C VAL A 258 11.18 0.76 -12.81
N PRO A 259 11.59 -0.34 -13.45
CA PRO A 259 11.65 -1.62 -12.76
C PRO A 259 12.87 -1.75 -11.86
N ALA A 260 12.71 -2.56 -10.82
CA ALA A 260 13.79 -2.85 -9.90
C ALA A 260 14.78 -3.85 -10.51
N GLY A 261 14.29 -5.04 -10.85
CA GLY A 261 15.12 -6.07 -11.45
C GLY A 261 14.41 -6.79 -12.57
N LYS A 262 14.96 -7.90 -13.04
CA LYS A 262 14.30 -8.69 -14.08
C LYS A 262 13.20 -9.55 -13.48
N TYR A 263 12.22 -9.90 -14.31
CA TYR A 263 11.11 -10.77 -13.92
C TYR A 263 11.26 -12.12 -14.59
N PRO A 264 11.42 -13.23 -13.84
CA PRO A 264 11.54 -13.25 -12.37
C PRO A 264 12.93 -12.83 -11.93
N PHE A 265 13.04 -12.28 -10.72
CA PHE A 265 14.32 -12.14 -10.07
C PHE A 265 14.72 -13.49 -9.47
N ILE A 266 15.98 -13.86 -9.63
CA ILE A 266 16.47 -15.17 -9.24
C ILE A 266 17.24 -15.06 -7.94
N VAL A 267 16.76 -15.77 -6.91
CA VAL A 267 17.43 -15.86 -5.62
C VAL A 267 18.18 -17.18 -5.57
N THR A 268 19.50 -17.11 -5.34
CA THR A 268 20.34 -18.31 -5.30
C THR A 268 20.31 -18.82 -3.87
N SER A 269 19.39 -19.76 -3.62
CA SER A 269 19.12 -20.18 -2.25
C SER A 269 20.34 -20.91 -1.66
N ASP A 270 20.25 -21.19 -0.36
CA ASP A 270 21.36 -21.78 0.36
C ASP A 270 21.55 -23.26 0.05
N ASP A 271 20.47 -23.96 -0.34
CA ASP A 271 20.57 -25.36 -0.74
C ASP A 271 20.99 -25.52 -2.20
N GLY A 272 21.40 -24.43 -2.86
CA GLY A 272 21.89 -24.49 -4.22
C GLY A 272 20.78 -24.59 -5.24
N ARG A 273 19.92 -23.58 -5.28
CA ARG A 273 18.74 -23.61 -6.15
C ARG A 273 18.45 -22.20 -6.67
N LYS A 274 17.83 -22.13 -7.85
CA LYS A 274 17.45 -20.88 -8.49
C LYS A 274 15.96 -20.65 -8.23
N VAL A 275 15.66 -19.96 -7.14
CA VAL A 275 14.28 -19.67 -6.76
C VAL A 275 13.82 -18.40 -7.47
N PRO A 276 12.70 -18.42 -8.20
CA PRO A 276 12.23 -17.17 -8.83
C PRO A 276 11.45 -16.30 -7.85
N VAL A 277 11.84 -15.04 -7.76
CA VAL A 277 11.15 -14.04 -6.93
C VAL A 277 10.37 -13.13 -7.87
N VAL A 278 9.06 -13.04 -7.64
CA VAL A 278 8.17 -12.34 -8.54
C VAL A 278 7.30 -11.37 -7.74
N GLN A 279 6.92 -10.27 -8.39
CA GLN A 279 6.05 -9.25 -7.83
C GLN A 279 5.59 -8.32 -8.95
N ALA A 280 4.30 -8.00 -8.99
CA ALA A 280 3.72 -7.17 -10.04
C ALA A 280 3.15 -5.89 -9.44
N TYR A 281 3.83 -4.77 -9.70
CA TYR A 281 3.52 -3.44 -9.17
C TYR A 281 2.36 -3.40 -8.19
N ALA A 282 1.21 -2.84 -8.60
CA ALA A 282 0.09 -2.64 -7.68
C ALA A 282 -1.14 -2.07 -8.36
N PHE A 283 -2.22 -1.91 -7.58
CA PHE A 283 -3.46 -1.27 -8.01
C PHE A 283 -4.12 -1.99 -9.19
N GLY A 284 -3.79 -3.25 -9.41
CA GLY A 284 -4.38 -3.97 -10.52
C GLY A 284 -3.96 -3.46 -11.88
N LYS A 285 -2.80 -2.82 -11.97
CA LYS A 285 -2.35 -2.27 -13.24
C LYS A 285 -1.62 -3.30 -14.08
N TYR A 286 -0.94 -4.25 -13.45
CA TYR A 286 -0.26 -5.34 -14.14
C TYR A 286 -0.76 -6.67 -13.59
N LEU A 287 -0.94 -7.65 -14.48
CA LEU A 287 -1.15 -9.03 -14.08
C LEU A 287 0.17 -9.77 -14.21
N GLY A 288 0.71 -10.25 -13.09
CA GLY A 288 1.91 -11.06 -13.15
C GLY A 288 1.65 -12.34 -13.92
N TYR A 289 2.68 -12.79 -14.64
CA TYR A 289 2.56 -13.97 -15.50
C TYR A 289 3.91 -14.68 -15.49
N LEU A 290 3.94 -15.89 -14.93
CA LEU A 290 5.17 -16.65 -14.79
C LEU A 290 4.91 -18.09 -15.23
N LYS A 291 5.49 -18.48 -16.36
CA LYS A 291 5.43 -19.84 -16.88
C LYS A 291 6.58 -20.64 -16.28
N ILE A 292 6.26 -21.77 -15.67
CA ILE A 292 7.22 -22.55 -14.90
C ILE A 292 7.26 -23.98 -15.42
N GLU A 293 8.46 -24.48 -15.66
CA GLU A 293 8.69 -25.85 -16.12
C GLU A 293 9.29 -26.68 -15.00
N PHE A 294 8.58 -27.74 -14.60
CA PHE A 294 8.98 -28.64 -13.53
C PHE A 294 9.43 -29.98 -14.11
N ASP A 295 9.74 -30.92 -13.21
CA ASP A 295 9.97 -32.32 -13.56
C ASP A 295 9.25 -33.18 -12.51
N GLU A 296 9.51 -34.50 -12.55
CA GLU A 296 8.81 -35.41 -11.64
C GLU A 296 9.06 -35.04 -10.18
N ARG A 297 10.32 -34.88 -9.81
CA ARG A 297 10.66 -34.53 -8.43
C ARG A 297 10.31 -33.09 -8.09
N GLY A 298 9.70 -32.35 -9.01
CA GLY A 298 9.27 -30.99 -8.73
C GLY A 298 10.41 -30.01 -8.53
N ASN A 299 11.46 -30.10 -9.34
CA ASN A 299 12.57 -29.15 -9.32
C ASN A 299 12.36 -28.15 -10.46
N VAL A 300 12.46 -26.86 -10.14
CA VAL A 300 12.23 -25.81 -11.14
C VAL A 300 13.38 -25.83 -12.14
N ILE A 301 13.10 -26.30 -13.36
CA ILE A 301 14.11 -26.31 -14.41
C ILE A 301 14.35 -24.89 -14.91
N SER A 302 13.27 -24.16 -15.18
CA SER A 302 13.36 -22.79 -15.65
C SER A 302 11.99 -22.14 -15.49
N SER A 303 11.98 -20.82 -15.61
CA SER A 303 10.75 -20.05 -15.46
C SER A 303 10.92 -18.73 -16.16
N HIS A 304 10.14 -18.50 -17.21
CA HIS A 304 10.11 -17.22 -17.92
C HIS A 304 8.73 -16.59 -17.77
N GLY A 305 8.71 -15.26 -17.76
CA GLY A 305 7.47 -14.55 -17.56
C GLY A 305 7.73 -13.06 -17.56
N ASN A 306 6.64 -12.30 -17.39
CA ASN A 306 6.71 -10.84 -17.34
C ASN A 306 5.35 -10.27 -16.94
N PRO A 307 5.31 -9.21 -16.13
CA PRO A 307 4.02 -8.62 -15.78
C PRO A 307 3.31 -8.10 -17.03
N ILE A 308 2.00 -8.25 -17.06
CA ILE A 308 1.19 -7.90 -18.22
C ILE A 308 0.41 -6.64 -17.88
N LEU A 309 0.73 -5.53 -18.57
CA LEU A 309 0.05 -4.27 -18.34
C LEU A 309 -1.39 -4.39 -18.83
N LEU A 310 -2.33 -4.46 -17.89
CA LEU A 310 -3.74 -4.56 -18.22
C LEU A 310 -4.21 -3.18 -18.69
N ASP A 311 -3.96 -2.88 -19.97
CA ASP A 311 -4.23 -1.56 -20.53
C ASP A 311 -5.50 -1.58 -21.39
N SER A 312 -5.79 -0.41 -21.99
CA SER A 312 -7.06 -0.22 -22.69
C SER A 312 -7.24 -1.21 -23.83
N SER A 313 -6.15 -1.73 -24.39
CA SER A 313 -6.27 -2.67 -25.50
C SER A 313 -7.01 -3.93 -25.07
N ILE A 314 -6.79 -4.39 -23.84
CA ILE A 314 -7.52 -5.52 -23.28
C ILE A 314 -8.88 -5.02 -22.82
N PRO A 315 -9.98 -5.48 -23.42
CA PRO A 315 -11.28 -4.86 -23.11
C PRO A 315 -11.91 -5.38 -21.84
N GLU A 316 -12.70 -4.51 -21.20
CA GLU A 316 -13.47 -4.91 -20.03
C GLU A 316 -14.44 -6.02 -20.42
N ASP A 317 -14.57 -7.02 -19.55
CA ASP A 317 -15.56 -8.07 -19.79
C ASP A 317 -16.94 -7.55 -19.45
N PRO A 318 -17.90 -7.56 -20.39
CA PRO A 318 -19.21 -6.98 -20.09
C PRO A 318 -19.87 -7.54 -18.83
N SER A 319 -19.78 -8.86 -18.61
CA SER A 319 -20.42 -9.45 -17.44
C SER A 319 -19.88 -8.83 -16.15
N ILE A 320 -18.57 -8.66 -16.06
CA ILE A 320 -17.99 -8.03 -14.88
C ILE A 320 -18.25 -6.53 -14.89
N LYS A 321 -17.98 -5.89 -16.02
CA LYS A 321 -18.14 -4.44 -16.11
C LYS A 321 -19.52 -4.01 -15.65
N ALA A 322 -20.56 -4.69 -16.15
CA ALA A 322 -21.92 -4.38 -15.73
C ALA A 322 -22.12 -4.69 -14.26
N ASP A 323 -21.64 -5.85 -13.80
CA ASP A 323 -21.72 -6.17 -12.38
C ASP A 323 -21.04 -5.10 -11.53
N ILE A 324 -20.00 -4.47 -12.05
CA ILE A 324 -19.34 -3.39 -11.33
C ILE A 324 -20.26 -2.18 -11.23
N ASN A 325 -20.97 -1.87 -12.31
CA ASN A 325 -21.92 -0.76 -12.29
C ASN A 325 -23.17 -1.08 -11.49
N LYS A 326 -23.49 -2.37 -11.31
CA LYS A 326 -24.54 -2.75 -10.38
C LYS A 326 -24.23 -2.25 -8.97
N TRP A 327 -22.96 -2.21 -8.61
CA TRP A 327 -22.51 -1.72 -7.31
C TRP A 327 -22.24 -0.21 -7.35
N ARG A 328 -21.53 0.26 -8.38
CA ARG A 328 -21.21 1.69 -8.47
C ARG A 328 -22.42 2.57 -8.22
N ILE A 329 -23.62 2.08 -8.55
CA ILE A 329 -24.84 2.83 -8.30
C ILE A 329 -24.94 3.24 -6.85
N LYS A 330 -24.58 2.34 -5.94
CA LYS A 330 -24.59 2.66 -4.51
C LYS A 330 -23.56 3.74 -4.19
N LEU A 331 -22.36 3.66 -4.78
CA LEU A 331 -21.28 4.57 -4.44
C LEU A 331 -21.48 5.96 -5.02
N ASP A 332 -22.27 6.09 -6.09
CA ASP A 332 -22.42 7.37 -6.78
C ASP A 332 -22.82 8.49 -5.81
N ASP A 333 -23.47 8.15 -4.71
CA ASP A 333 -23.97 9.18 -3.80
C ASP A 333 -22.84 10.01 -3.21
N TYR A 334 -21.71 9.36 -2.91
CA TYR A 334 -20.57 10.08 -2.34
C TYR A 334 -19.87 10.94 -3.38
N SER A 335 -19.81 10.47 -4.63
CA SER A 335 -19.04 11.17 -5.66
C SER A 335 -19.82 12.31 -6.28
N THR A 336 -21.12 12.11 -6.56
CA THR A 336 -21.91 13.11 -7.27
C THR A 336 -22.14 14.40 -6.47
N GLN A 337 -21.53 14.56 -5.31
CA GLN A 337 -21.64 15.77 -4.51
C GLN A 337 -20.40 16.64 -4.73
N GLU A 338 -20.62 17.93 -4.98
CA GLU A 338 -19.55 18.86 -5.28
C GLU A 338 -18.76 19.24 -4.03
N LEU A 339 -17.47 19.52 -4.22
CA LEU A 339 -16.62 20.07 -3.18
C LEU A 339 -15.98 21.40 -3.55
N GLY A 340 -15.28 21.46 -4.66
CA GLY A 340 -14.45 22.61 -4.98
C GLY A 340 -13.70 22.35 -6.26
N LYS A 341 -12.67 23.17 -6.51
CA LYS A 341 -11.95 23.08 -7.77
C LYS A 341 -10.44 23.21 -7.54
N THR A 342 -9.69 22.67 -8.49
CA THR A 342 -8.23 22.74 -8.48
C THR A 342 -7.76 23.05 -9.91
N ILE A 343 -6.82 23.98 -10.03
CA ILE A 343 -6.31 24.36 -11.34
C ILE A 343 -5.01 23.65 -11.69
N VAL A 344 -4.30 23.07 -10.72
CA VAL A 344 -3.04 22.39 -10.96
C VAL A 344 -3.18 20.93 -10.53
N TYR A 345 -2.31 20.09 -11.09
CA TYR A 345 -2.31 18.68 -10.75
C TYR A 345 -1.81 18.50 -9.32
N LEU A 346 -2.55 17.71 -8.54
CA LEU A 346 -2.20 17.42 -7.15
C LEU A 346 -1.37 16.15 -7.12
N ASP A 347 -0.06 16.31 -6.97
CA ASP A 347 0.88 15.19 -6.96
C ASP A 347 0.81 14.52 -5.58
N GLY A 348 -0.02 13.48 -5.48
CA GLY A 348 -0.09 12.68 -4.27
C GLY A 348 0.55 11.32 -4.46
N SER A 349 1.46 11.23 -5.44
CA SER A 349 2.09 9.97 -5.80
C SER A 349 3.20 9.63 -4.82
N SER A 350 3.27 8.36 -4.44
CA SER A 350 4.33 7.91 -3.54
C SER A 350 5.71 8.23 -4.11
N GLN A 351 5.82 8.29 -5.44
CA GLN A 351 7.10 8.54 -6.10
C GLN A 351 7.58 9.97 -5.92
N SER A 352 6.73 10.87 -5.42
CA SER A 352 7.14 12.26 -5.20
C SER A 352 6.89 12.67 -3.74
N CYS A 353 5.89 12.07 -3.10
CA CYS A 353 5.57 12.44 -1.72
C CYS A 353 6.43 11.71 -0.70
N ARG A 354 7.32 10.82 -1.13
CA ARG A 354 8.28 10.18 -0.23
C ARG A 354 9.72 10.45 -0.66
N PHE A 355 9.94 11.36 -1.61
CA PHE A 355 11.27 11.66 -2.09
C PHE A 355 11.56 13.16 -2.15
N ARG A 356 10.52 13.99 -2.28
CA ARG A 356 10.71 15.43 -2.41
C ARG A 356 9.42 16.14 -2.00
N GLU A 357 9.35 17.44 -2.31
CA GLU A 357 8.26 18.30 -1.87
C GLU A 357 7.09 18.19 -2.85
N CYS A 358 6.11 17.35 -2.53
CA CYS A 358 4.93 17.17 -3.37
C CYS A 358 3.83 18.12 -2.91
N ASN A 359 3.12 18.70 -3.88
CA ASN A 359 2.14 19.75 -3.57
C ASN A 359 0.91 19.21 -2.86
N MET A 360 0.66 17.90 -2.93
CA MET A 360 -0.45 17.33 -2.18
C MET A 360 -0.25 17.53 -0.68
N GLY A 361 0.96 17.30 -0.19
CA GLY A 361 1.24 17.53 1.21
C GLY A 361 1.08 18.98 1.60
N ASN A 362 1.59 19.89 0.76
CA ASN A 362 1.46 21.32 1.05
C ASN A 362 -0.01 21.72 1.13
N LEU A 363 -0.85 21.14 0.27
CA LEU A 363 -2.29 21.35 0.40
C LEU A 363 -2.77 20.90 1.77
N ILE A 364 -2.47 19.66 2.15
CA ILE A 364 -2.96 19.11 3.40
C ILE A 364 -2.46 19.92 4.58
N CYS A 365 -1.21 20.40 4.51
CA CYS A 365 -0.66 21.17 5.61
C CYS A 365 -1.22 22.58 5.66
N ASP A 366 -1.45 23.21 4.51
CA ASP A 366 -2.09 24.53 4.51
C ASP A 366 -3.54 24.41 4.96
N ALA A 367 -4.24 23.36 4.53
CA ALA A 367 -5.58 23.10 5.04
C ALA A 367 -5.55 22.85 6.54
N MET A 368 -4.58 22.07 7.00
CA MET A 368 -4.45 21.80 8.44
C MET A 368 -4.43 23.09 9.23
N ILE A 369 -3.58 24.03 8.83
CA ILE A 369 -3.52 25.31 9.52
C ILE A 369 -4.50 26.24 8.82
N ASN A 370 -5.79 25.88 8.85
CA ASN A 370 -6.87 26.82 8.61
C ASN A 370 -8.05 26.46 9.49
N ASN A 371 -8.30 25.15 9.64
CA ASN A 371 -9.44 24.68 10.42
C ASN A 371 -9.23 24.95 11.91
N ASN A 372 -8.00 24.81 12.38
CA ASN A 372 -7.71 25.11 13.78
C ASN A 372 -7.86 26.60 14.08
N LEU A 373 -7.71 27.44 13.07
CA LEU A 373 -7.70 28.89 13.26
C LEU A 373 -9.07 29.45 13.60
N ARG A 374 -10.12 28.63 13.67
CA ARG A 374 -11.44 29.10 14.07
C ARG A 374 -11.78 28.79 15.52
N HIS A 375 -11.22 27.73 16.09
CA HIS A 375 -11.48 27.37 17.46
C HIS A 375 -10.80 28.32 18.45
N HIS A 383 -3.38 29.21 17.34
CA HIS A 383 -2.41 30.24 16.96
C HIS A 383 -1.14 29.65 16.35
N VAL A 384 -1.28 28.52 15.64
CA VAL A 384 -0.14 27.77 15.14
C VAL A 384 0.11 28.13 13.69
N SER A 385 1.33 27.83 13.21
CA SER A 385 1.69 28.02 11.82
C SER A 385 2.53 26.89 11.25
N MET A 386 2.83 25.85 12.02
CA MET A 386 3.74 24.80 11.60
C MET A 386 3.01 23.47 11.41
N CYS A 387 3.54 22.64 10.52
CA CYS A 387 2.87 21.40 10.15
C CYS A 387 3.90 20.39 9.65
N ILE A 388 3.82 19.17 10.17
CA ILE A 388 4.59 18.05 9.63
C ILE A 388 3.61 16.93 9.30
N LEU A 389 3.96 16.14 8.29
CA LEU A 389 3.04 15.17 7.71
C LEU A 389 3.84 14.10 7.01
N ASN A 390 3.59 12.84 7.35
CA ASN A 390 4.29 11.72 6.73
C ASN A 390 3.73 11.47 5.34
N GLY A 391 4.58 11.55 4.32
CA GLY A 391 4.12 11.34 2.96
C GLY A 391 3.46 10.00 2.75
N GLY A 392 3.77 9.02 3.60
CA GLY A 392 3.11 7.74 3.50
C GLY A 392 1.62 7.80 3.69
N GLY A 393 1.14 8.76 4.49
CA GLY A 393 -0.29 8.91 4.67
C GLY A 393 -1.00 9.32 3.39
N ILE A 394 -0.29 10.01 2.49
CA ILE A 394 -0.85 10.43 1.22
C ILE A 394 -0.85 9.21 0.29
N ARG A 395 -2.03 8.74 -0.09
CA ARG A 395 -2.15 7.47 -0.78
C ARG A 395 -2.69 7.56 -2.20
N SER A 396 -3.05 8.75 -2.68
CA SER A 396 -3.48 8.81 -4.07
C SER A 396 -3.32 10.22 -4.61
N PRO A 397 -2.92 10.38 -5.86
CA PRO A 397 -2.99 11.70 -6.49
C PRO A 397 -4.40 11.99 -6.98
N ILE A 398 -4.68 13.28 -7.18
CA ILE A 398 -5.94 13.72 -7.78
C ILE A 398 -5.60 14.46 -9.06
N ASP A 399 -5.99 13.90 -10.19
CA ASP A 399 -5.61 14.45 -11.50
C ASP A 399 -6.56 15.58 -11.86
N GLU A 400 -6.03 16.80 -11.90
CA GLU A 400 -6.78 17.96 -12.35
C GLU A 400 -7.11 17.81 -13.84
N ARG A 401 -8.41 17.78 -14.16
CA ARG A 401 -8.82 17.45 -15.52
C ARG A 401 -10.11 18.18 -15.90
N ASN A 402 -10.22 18.48 -17.20
CA ASN A 402 -11.38 19.09 -17.83
C ASN A 402 -11.83 20.35 -17.10
N ASP A 403 -12.50 20.18 -15.96
CA ASP A 403 -12.99 21.29 -15.16
C ASP A 403 -12.28 21.40 -13.82
N GLY A 404 -11.37 20.48 -13.51
CA GLY A 404 -10.61 20.55 -12.28
C GLY A 404 -11.50 20.56 -11.04
N THR A 405 -12.44 19.62 -10.97
CA THR A 405 -13.38 19.54 -9.86
C THR A 405 -13.00 18.40 -8.93
N ILE A 406 -13.16 18.63 -7.62
CA ILE A 406 -12.79 17.68 -6.60
C ILE A 406 -14.06 17.15 -5.95
N THR A 407 -14.02 15.89 -5.52
CA THR A 407 -15.16 15.27 -4.87
C THR A 407 -14.67 14.45 -3.67
N TRP A 408 -15.64 13.95 -2.89
CA TRP A 408 -15.30 13.10 -1.75
C TRP A 408 -14.61 11.82 -2.23
N GLU A 409 -15.09 11.24 -3.33
CA GLU A 409 -14.43 10.07 -3.90
C GLU A 409 -12.95 10.35 -4.15
N ASN A 410 -12.60 11.60 -4.48
CA ASN A 410 -11.21 11.97 -4.63
C ASN A 410 -10.51 12.06 -3.27
N LEU A 411 -11.03 12.92 -2.39
CA LEU A 411 -10.39 13.15 -1.10
C LEU A 411 -10.29 11.85 -0.29
N ALA A 412 -11.25 10.94 -0.47
CA ALA A 412 -11.21 9.69 0.28
C ALA A 412 -10.02 8.83 -0.15
N ALA A 413 -9.74 8.76 -1.45
CA ALA A 413 -8.62 7.97 -1.93
C ALA A 413 -7.29 8.52 -1.45
N VAL A 414 -7.23 9.81 -1.12
CA VAL A 414 -6.00 10.38 -0.60
C VAL A 414 -5.74 9.89 0.82
N LEU A 415 -6.77 9.85 1.66
CA LEU A 415 -6.64 9.58 3.09
C LEU A 415 -7.58 8.44 3.47
N PRO A 416 -7.24 7.21 3.13
CA PRO A 416 -8.11 6.08 3.49
C PRO A 416 -8.17 5.78 4.98
N PHE A 417 -7.23 6.32 5.77
CA PHE A 417 -7.12 5.90 7.16
C PHE A 417 -8.21 6.52 8.03
N GLY A 418 -8.60 7.77 7.75
CA GLY A 418 -9.66 8.40 8.50
C GLY A 418 -9.30 8.66 9.95
N GLY A 419 -8.34 9.56 10.17
CA GLY A 419 -7.97 9.96 11.51
C GLY A 419 -8.30 11.42 11.78
N THR A 420 -7.50 12.08 12.62
CA THR A 420 -7.69 13.49 12.94
C THR A 420 -6.34 14.19 12.95
N PHE A 421 -6.37 15.52 12.91
CA PHE A 421 -5.17 16.36 12.90
C PHE A 421 -4.99 16.94 14.30
N ASP A 422 -4.13 16.33 15.10
CA ASP A 422 -3.94 16.70 16.50
C ASP A 422 -2.89 17.79 16.66
N LEU A 423 -3.15 18.72 17.57
CA LEU A 423 -2.18 19.76 17.92
C LEU A 423 -1.21 19.22 18.97
N VAL A 424 0.07 19.54 18.80
CA VAL A 424 1.12 18.99 19.65
C VAL A 424 2.15 20.06 19.95
N GLN A 425 2.53 20.18 21.23
CA GLN A 425 3.58 21.07 21.68
C GLN A 425 4.90 20.30 21.70
N LEU A 426 5.93 20.84 21.03
CA LEU A 426 7.19 20.12 20.87
C LEU A 426 8.38 21.02 21.17
N LYS A 427 9.45 20.38 21.63
CA LYS A 427 10.74 21.05 21.74
C LYS A 427 11.33 21.23 20.34
N GLY A 428 12.21 22.24 20.22
CA GLY A 428 12.95 22.40 18.97
C GLY A 428 13.88 21.23 18.70
N SER A 429 14.54 20.73 19.75
CA SER A 429 15.39 19.55 19.60
C SER A 429 14.60 18.36 19.10
N THR A 430 13.35 18.23 19.54
CA THR A 430 12.51 17.11 19.11
C THR A 430 12.19 17.21 17.62
N LEU A 431 11.81 18.41 17.16
CA LEU A 431 11.54 18.60 15.75
C LEU A 431 12.79 18.36 14.91
N LYS A 432 13.95 18.78 15.42
CA LYS A 432 15.20 18.60 14.69
C LYS A 432 15.42 17.13 14.35
N LYS A 433 15.26 16.24 15.33
CA LYS A 433 15.52 14.82 15.10
C LYS A 433 14.41 14.17 14.28
N ALA A 434 13.18 14.69 14.34
CA ALA A 434 12.12 14.14 13.50
C ALA A 434 12.47 14.31 12.03
N PHE A 435 13.08 15.43 11.67
CA PHE A 435 13.49 15.65 10.28
C PHE A 435 14.74 14.85 9.93
N GLU A 436 15.61 14.56 10.90
CA GLU A 436 16.67 13.60 10.67
C GLU A 436 16.10 12.19 10.53
N HIS A 437 14.95 11.93 11.14
CA HIS A 437 14.24 10.67 10.91
C HIS A 437 13.48 10.69 9.59
N SER A 438 13.13 11.87 9.09
CA SER A 438 12.44 11.98 7.80
C SER A 438 13.31 11.46 6.66
N VAL A 439 14.63 11.47 6.81
CA VAL A 439 15.54 11.03 5.76
C VAL A 439 16.59 10.06 6.30
N HIS A 440 16.29 9.43 7.44
CA HIS A 440 17.31 8.58 8.07
C HIS A 440 17.63 7.35 7.24
N ARG A 441 16.65 6.85 6.48
CA ARG A 441 16.84 5.75 5.53
C ARG A 441 16.25 6.12 4.17
N TYR A 442 16.48 7.38 3.77
CA TYR A 442 15.96 7.89 2.52
C TYR A 442 16.43 7.06 1.34
N GLY A 443 15.53 6.81 0.39
CA GLY A 443 15.86 6.13 -0.85
C GLY A 443 15.06 4.88 -1.14
N GLN A 444 14.29 4.36 -0.19
CA GLN A 444 13.58 3.09 -0.34
C GLN A 444 12.07 3.28 -0.35
N SER A 445 11.59 4.33 -1.03
CA SER A 445 10.16 4.64 -1.08
C SER A 445 9.57 4.71 0.32
N THR A 446 10.40 5.11 1.28
CA THR A 446 10.03 5.04 2.69
C THR A 446 8.92 6.03 3.00
N GLY A 447 7.89 5.54 3.69
CA GLY A 447 6.71 6.33 3.96
C GLY A 447 6.83 7.34 5.08
N GLU A 448 7.92 7.30 5.86
CA GLU A 448 8.09 8.22 6.97
C GLU A 448 8.71 9.55 6.55
N PHE A 449 8.93 9.75 5.25
CA PHE A 449 9.38 11.05 4.74
C PHE A 449 8.30 12.10 5.03
N LEU A 450 8.74 13.28 5.45
CA LEU A 450 7.85 14.29 6.00
C LEU A 450 7.59 15.42 5.02
N GLN A 451 6.32 15.79 4.87
CA GLN A 451 5.90 17.01 4.20
C GLN A 451 5.74 18.13 5.23
N VAL A 452 5.76 19.37 4.75
CA VAL A 452 5.86 20.51 5.65
C VAL A 452 4.88 21.61 5.26
N GLY A 453 4.63 22.49 6.23
CA GLY A 453 3.94 23.75 6.03
C GLY A 453 4.36 24.69 7.14
N GLY A 454 4.82 25.89 6.78
CA GLY A 454 5.42 26.77 7.77
C GLY A 454 6.81 26.35 8.21
N ILE A 455 7.48 25.51 7.41
CA ILE A 455 8.81 25.01 7.71
C ILE A 455 9.63 25.03 6.42
N HIS A 456 10.90 25.41 6.53
CA HIS A 456 11.84 25.36 5.41
C HIS A 456 13.00 24.46 5.81
N VAL A 457 13.07 23.27 5.22
CA VAL A 457 14.09 22.29 5.54
C VAL A 457 14.98 22.08 4.33
N VAL A 458 16.29 21.96 4.57
CA VAL A 458 17.27 21.68 3.52
C VAL A 458 18.11 20.50 3.98
N TYR A 459 18.19 19.47 3.15
CA TYR A 459 18.96 18.27 3.43
C TYR A 459 20.24 18.25 2.61
N ASP A 460 21.20 17.46 3.09
CA ASP A 460 22.41 17.16 2.34
C ASP A 460 22.70 15.68 2.58
N LEU A 461 22.37 14.83 1.61
CA LEU A 461 22.42 13.39 1.78
C LEU A 461 23.84 12.84 1.65
N SER A 462 24.83 13.68 1.40
CA SER A 462 26.23 13.28 1.50
C SER A 462 26.74 13.42 2.93
N ARG A 463 25.95 12.87 3.85
CA ARG A 463 26.21 12.92 5.29
C ARG A 463 25.50 11.73 5.92
N LYS A 464 26.03 11.27 7.05
CA LYS A 464 25.49 10.05 7.66
C LYS A 464 24.18 10.34 8.38
N PRO A 465 23.21 9.41 8.37
CA PRO A 465 21.94 9.65 9.05
C PRO A 465 22.08 10.28 10.43
N GLY A 466 21.54 11.48 10.58
CA GLY A 466 21.71 12.29 11.77
C GLY A 466 22.47 13.57 11.53
N ASP A 467 23.17 13.68 10.40
CA ASP A 467 23.83 14.91 10.00
C ASP A 467 23.26 15.45 8.69
N ARG A 468 22.16 14.86 8.20
CA ARG A 468 21.66 15.19 6.87
C ARG A 468 20.98 16.55 6.84
N VAL A 469 20.36 16.98 7.93
CA VAL A 469 19.71 18.29 7.96
C VAL A 469 20.79 19.35 8.05
N VAL A 470 20.96 20.13 6.98
CA VAL A 470 21.97 21.17 6.94
C VAL A 470 21.42 22.55 7.23
N LYS A 471 20.11 22.76 7.05
CA LYS A 471 19.48 24.02 7.42
C LYS A 471 18.02 23.77 7.73
N LEU A 472 17.50 24.49 8.74
CA LEU A 472 16.09 24.44 9.11
C LEU A 472 15.70 25.80 9.67
N ASP A 473 14.82 26.50 8.95
CA ASP A 473 14.28 27.78 9.37
C ASP A 473 12.76 27.63 9.50
N VAL A 474 12.25 27.88 10.69
CA VAL A 474 10.86 27.63 11.04
C VAL A 474 10.13 28.96 11.16
N LEU A 475 8.89 28.99 10.68
CA LEU A 475 8.10 30.22 10.70
C LEU A 475 7.64 30.53 12.13
N CYS A 476 7.92 31.74 12.59
CA CYS A 476 7.44 32.23 13.88
C CYS A 476 6.33 33.23 13.66
N THR A 477 5.42 33.31 14.63
CA THR A 477 4.29 34.23 14.60
C THR A 477 4.35 35.30 15.67
N LYS A 478 4.71 34.93 16.92
CA LYS A 478 4.78 35.94 17.97
C LYS A 478 5.83 37.00 17.67
N CYS A 479 6.77 36.70 16.78
CA CYS A 479 7.79 37.67 16.40
C CYS A 479 7.14 38.85 15.68
N ARG A 480 7.68 40.05 15.92
CA ARG A 480 7.07 41.26 15.38
C ARG A 480 7.20 41.31 13.86
N VAL A 481 8.23 40.68 13.31
CA VAL A 481 8.34 40.49 11.86
C VAL A 481 8.18 39.01 11.57
N PRO A 482 6.95 38.50 11.44
CA PRO A 482 6.77 37.06 11.22
C PRO A 482 7.49 36.61 9.97
N SER A 483 8.28 35.56 10.11
CA SER A 483 9.16 35.09 9.04
C SER A 483 9.80 33.79 9.49
N TYR A 484 10.55 33.17 8.57
CA TYR A 484 11.25 31.93 8.85
C TYR A 484 12.61 32.25 9.48
N ASP A 485 12.88 31.64 10.62
CA ASP A 485 14.09 31.89 11.41
C ASP A 485 14.73 30.58 11.80
N PRO A 486 16.06 30.57 11.98
CA PRO A 486 16.73 29.32 12.37
C PRO A 486 16.09 28.70 13.60
N LEU A 487 15.80 27.41 13.50
CA LEU A 487 15.22 26.69 14.62
C LEU A 487 16.18 26.71 15.80
N LYS A 488 15.67 27.07 16.97
CA LYS A 488 16.42 27.01 18.21
C LYS A 488 16.12 25.69 18.90
N MET A 489 17.16 24.97 19.30
CA MET A 489 16.97 23.64 19.87
C MET A 489 16.19 23.70 21.17
N ASP A 490 16.48 24.68 22.02
CA ASP A 490 15.79 24.84 23.31
C ASP A 490 14.68 25.86 23.21
N GLU A 491 13.74 25.61 22.29
CA GLU A 491 12.59 26.47 22.12
C GLU A 491 11.34 25.61 21.89
N VAL A 492 10.19 26.15 22.27
CA VAL A 492 8.93 25.43 22.23
C VAL A 492 8.15 25.88 21.01
N TYR A 493 7.81 24.92 20.15
CA TYR A 493 7.01 25.15 18.96
C TYR A 493 5.75 24.28 19.03
N LYS A 494 4.70 24.75 18.38
CA LYS A 494 3.43 24.03 18.27
C LYS A 494 3.23 23.63 16.80
N VAL A 495 3.28 22.34 16.52
CA VAL A 495 3.04 21.82 15.18
C VAL A 495 1.73 21.02 15.19
N ILE A 496 1.05 21.02 14.05
CA ILE A 496 -0.17 20.22 13.87
C ILE A 496 0.18 19.05 12.95
N LEU A 497 -0.06 17.85 13.44
CA LEU A 497 0.25 16.63 12.70
C LEU A 497 -0.89 15.63 12.91
N PRO A 498 -1.01 14.64 12.03
CA PRO A 498 -2.07 13.64 12.19
C PRO A 498 -1.89 12.80 13.45
N ASN A 499 -2.99 12.17 13.86
CA ASN A 499 -2.99 11.36 15.06
C ASN A 499 -1.93 10.26 14.99
N PHE A 500 -1.77 9.66 13.81
CA PHE A 500 -0.81 8.56 13.65
C PHE A 500 0.62 9.01 13.97
N LEU A 501 0.96 10.26 13.64
CA LEU A 501 2.27 10.79 14.02
C LEU A 501 2.30 11.19 15.50
N ALA A 502 1.20 11.77 16.00
CA ALA A 502 1.18 12.25 17.37
C ALA A 502 1.52 11.13 18.36
N ASN A 503 1.15 9.89 18.05
CA ASN A 503 1.45 8.74 18.88
C ASN A 503 2.75 8.04 18.46
N GLY A 504 3.64 8.75 17.79
CA GLY A 504 4.96 8.22 17.47
C GLY A 504 4.96 7.08 16.47
N GLY A 505 4.14 7.18 15.42
CA GLY A 505 4.14 6.15 14.40
C GLY A 505 5.35 6.28 13.47
N ASP A 506 5.48 5.27 12.60
CA ASP A 506 6.49 5.24 11.55
C ASP A 506 7.92 5.23 12.09
N GLY A 507 8.09 5.11 13.40
CA GLY A 507 9.40 5.22 14.01
C GLY A 507 9.72 6.55 14.61
N PHE A 508 8.74 7.46 14.70
CA PHE A 508 8.93 8.75 15.35
C PHE A 508 8.67 8.65 16.85
N GLN A 509 9.30 7.67 17.51
CA GLN A 509 9.03 7.46 18.93
C GLN A 509 9.52 8.62 19.79
N MET A 510 10.40 9.47 19.26
CA MET A 510 10.82 10.66 20.02
C MET A 510 9.66 11.64 20.16
N ILE A 511 8.81 11.74 19.14
CA ILE A 511 7.66 12.65 19.20
C ILE A 511 6.71 12.24 20.32
N LYS A 512 6.32 10.96 20.33
CA LYS A 512 5.34 10.49 21.30
C LYS A 512 5.85 10.68 22.74
N ASP A 513 7.14 10.52 22.95
CA ASP A 513 7.71 10.53 24.29
C ASP A 513 8.13 11.92 24.75
N GLU A 514 8.57 12.79 23.84
CA GLU A 514 9.16 14.07 24.21
C GLU A 514 8.19 15.24 24.17
N LEU A 515 6.99 15.07 23.62
CA LEU A 515 6.09 16.20 23.45
C LEU A 515 5.68 16.77 24.80
N LEU A 516 5.43 18.08 24.83
CA LEU A 516 5.10 18.79 26.05
C LEU A 516 3.60 18.94 26.27
N ARG A 517 2.78 18.70 25.25
CA ARG A 517 1.33 18.70 25.38
C ARG A 517 0.75 18.03 24.15
N HIS A 518 -0.50 17.60 24.26
CA HIS A 518 -1.18 16.86 23.19
C HIS A 518 -2.65 17.21 23.24
N ASP A 519 -3.20 17.68 22.12
CA ASP A 519 -4.59 18.07 22.01
C ASP A 519 -5.28 17.23 20.93
N SER A 520 -6.59 17.07 21.07
CA SER A 520 -7.37 16.29 20.12
C SER A 520 -7.58 17.07 18.82
N GLY A 521 -7.70 16.32 17.71
CA GLY A 521 -7.79 16.91 16.40
C GLY A 521 -9.21 16.89 15.83
N ASP A 522 -9.30 17.20 14.54
CA ASP A 522 -10.55 17.20 13.80
C ASP A 522 -10.41 16.24 12.63
N GLN A 523 -11.50 15.56 12.29
CA GLN A 523 -11.46 14.48 11.31
C GLN A 523 -10.69 14.89 10.07
N ASP A 524 -9.72 14.04 9.68
CA ASP A 524 -8.70 14.46 8.71
C ASP A 524 -9.33 14.83 7.37
N ILE A 525 -10.11 13.92 6.78
CA ILE A 525 -10.68 14.19 5.46
C ILE A 525 -11.73 15.29 5.54
N ASN A 526 -12.49 15.34 6.64
CA ASN A 526 -13.56 16.32 6.76
C ASN A 526 -13.02 17.74 6.66
N VAL A 527 -11.97 18.05 7.42
CA VAL A 527 -11.49 19.44 7.46
C VAL A 527 -10.84 19.83 6.14
N VAL A 528 -10.12 18.91 5.50
CA VAL A 528 -9.55 19.24 4.19
C VAL A 528 -10.65 19.46 3.18
N SER A 529 -11.80 18.81 3.35
CA SER A 529 -12.94 19.07 2.47
C SER A 529 -13.51 20.46 2.72
N THR A 530 -13.69 20.84 3.99
CA THR A 530 -14.20 22.16 4.31
C THR A 530 -13.25 23.25 3.84
N TYR A 531 -11.93 23.01 3.96
CA TYR A 531 -10.96 23.99 3.50
C TYR A 531 -11.11 24.27 2.01
N ILE A 532 -10.93 23.24 1.17
CA ILE A 532 -10.98 23.46 -0.27
C ILE A 532 -12.34 23.97 -0.70
N SER A 533 -13.39 23.61 0.03
CA SER A 533 -14.70 24.23 -0.21
C SER A 533 -14.68 25.72 0.12
N LYS A 534 -14.01 26.08 1.23
CA LYS A 534 -13.86 27.49 1.57
C LYS A 534 -13.08 28.22 0.49
N MET A 535 -11.98 27.62 0.01
CA MET A 535 -11.13 28.27 -0.98
C MET A 535 -11.83 28.35 -2.33
N LYS A 536 -12.51 27.28 -2.74
CA LYS A 536 -13.23 27.15 -4.00
C LYS A 536 -12.29 27.02 -5.20
N VAL A 537 -11.00 27.27 -4.99
CA VAL A 537 -9.95 26.99 -5.98
C VAL A 537 -8.63 26.96 -5.22
N ILE A 538 -7.82 25.93 -5.47
CA ILE A 538 -6.55 25.75 -4.77
C ILE A 538 -5.49 25.34 -5.78
N TYR A 539 -4.27 25.85 -5.58
CA TYR A 539 -3.19 25.71 -6.54
C TYR A 539 -1.85 25.43 -5.86
N PRO A 540 -1.78 24.48 -4.93
CA PRO A 540 -0.52 24.26 -4.22
C PRO A 540 0.61 23.91 -5.18
N ALA A 541 1.82 24.35 -4.83
CA ALA A 541 2.97 24.22 -5.71
C ALA A 541 4.20 23.83 -4.90
N VAL A 542 5.25 23.43 -5.62
CA VAL A 542 6.54 23.12 -5.01
C VAL A 542 7.25 24.46 -4.78
N GLU A 543 7.03 25.04 -3.60
CA GLU A 543 7.48 26.39 -3.30
C GLU A 543 8.93 26.46 -2.83
N GLY A 544 9.58 25.31 -2.64
CA GLY A 544 10.91 25.31 -2.07
C GLY A 544 10.95 25.09 -0.57
N ARG A 545 9.87 24.55 0.01
CA ARG A 545 9.88 24.23 1.43
C ARG A 545 10.97 23.21 1.73
N ILE A 546 11.02 22.13 0.96
CA ILE A 546 12.06 21.11 1.07
C ILE A 546 13.06 21.35 -0.05
N LYS A 547 14.34 21.32 0.29
CA LYS A 547 15.41 21.50 -0.67
C LYS A 547 16.53 20.51 -0.36
N PHE A 548 17.41 20.31 -1.34
CA PHE A 548 18.53 19.38 -1.20
C PHE A 548 19.83 20.06 -1.60
N SER A 549 20.88 19.79 -0.84
CA SER A 549 22.18 20.42 -1.05
C SER A 549 23.16 19.46 -1.71
#